data_3ETV
#
_entry.id   3ETV
#
_cell.length_a   168.430
_cell.length_b   61.358
_cell.length_c   37.277
_cell.angle_alpha   90.00
_cell.angle_beta   91.96
_cell.angle_gamma   90.00
#
_symmetry.space_group_name_H-M   'C 1 2 1'
#
loop_
_entity.id
_entity.type
_entity.pdbx_description
1 polymer 'Protein transport protein TIP20, Protein transport protein DSL1 chimera'
2 water water
#
_entity_poly.entity_id   1
_entity_poly.type   'polypeptide(L)'
_entity_poly.pdbx_seq_one_letter_code
;GAMGMNGIDDLLNINDRIKQVQNERNELASKLQNLKQSLASNDTGGGSGGGSDSSDLLQREAILANELNILDNLKTFLNL
IKEVKTNLNILELENCYYSLQSLRKKMRNNAAYLKQSFNFQQSISTYVDTLHLELVSTLYKILTNGFWKITENSIQFTPT
VEWGKDKVHIEYDTFMDFVAQQYFPKGSLDNQAWFILDMTSADSQEQVRAKLNTIMKEYMNLSRIVSMIKNSIFISGKEI
SYENEKNILVFSKSSSHGQHCVSTVLTSFEAVCDFMLDGLAFRDRKTLSYELGPLFNTEFTKFVKNNASIILESLDSPLK
NLVSVINNKLTRLVAKSEVTNWTHSGKEIQDLLMN
;
_entity_poly.pdbx_strand_id   A
#
# COMPACT_ATOMS: atom_id res chain seq x y z
N ASN A 13 5.53 -0.31 27.81
CA ASN A 13 6.73 -0.78 28.59
C ASN A 13 8.04 -0.04 28.24
N ILE A 14 8.05 0.68 27.11
CA ILE A 14 9.20 1.54 26.79
C ILE A 14 9.35 2.66 27.83
N ASN A 15 8.23 3.26 28.22
CA ASN A 15 8.20 4.28 29.28
C ASN A 15 8.87 3.77 30.57
N ASP A 16 8.57 2.53 30.93
CA ASP A 16 9.15 1.88 32.12
C ASP A 16 10.65 1.64 31.97
N ARG A 17 11.07 1.30 30.75
CA ARG A 17 12.49 1.08 30.46
C ARG A 17 13.25 2.40 30.50
N ILE A 18 12.59 3.47 30.04
CA ILE A 18 13.15 4.83 30.10
C ILE A 18 13.32 5.24 31.58
N LYS A 19 12.29 4.95 32.39
CA LYS A 19 12.29 5.25 33.82
C LYS A 19 13.40 4.52 34.61
N GLN A 20 13.63 3.25 34.29
CA GLN A 20 14.67 2.45 34.94
C GLN A 20 16.07 2.99 34.70
N VAL A 21 16.35 3.36 33.46
CA VAL A 21 17.63 3.94 33.07
C VAL A 21 17.80 5.33 33.72
N GLN A 22 16.75 6.12 33.73
CA GLN A 22 16.78 7.41 34.43
C GLN A 22 17.11 7.26 35.91
N ASN A 23 16.52 6.26 36.57
CA ASN A 23 16.83 6.00 37.99
C ASN A 23 18.24 5.46 38.23
N GLU A 24 18.72 4.62 37.32
CA GLU A 24 20.10 4.16 37.38
C GLU A 24 21.08 5.34 37.26
N ARG A 25 20.83 6.19 36.26
CA ARG A 25 21.65 7.39 35.99
C ARG A 25 21.67 8.32 37.21
N ASN A 26 20.51 8.57 37.79
CA ASN A 26 20.40 9.46 38.96
C ASN A 26 21.11 8.92 40.19
N GLU A 27 20.97 7.62 40.44
CA GLU A 27 21.64 6.96 41.56
C GLU A 27 23.15 6.94 41.38
N LEU A 28 23.59 6.83 40.12
CA LEU A 28 25.01 6.88 39.77
C LEU A 28 25.60 8.28 39.96
N ALA A 29 24.86 9.31 39.53
CA ALA A 29 25.26 10.72 39.72
C ALA A 29 25.50 11.02 41.19
N SER A 30 24.60 10.51 42.03
CA SER A 30 24.67 10.69 43.48
C SER A 30 25.82 9.93 44.12
N LYS A 31 26.03 8.70 43.65
CA LYS A 31 27.17 7.89 44.06
C LYS A 31 28.50 8.58 43.75
N LEU A 32 28.59 9.18 42.57
CA LEU A 32 29.77 9.91 42.13
C LEU A 32 30.06 11.16 42.97
N GLN A 33 29.04 11.98 43.19
CA GLN A 33 29.18 13.19 44.02
C GLN A 33 29.48 12.82 45.49
N ASN A 34 28.99 11.66 45.93
CA ASN A 34 29.30 11.13 47.26
C ASN A 34 30.78 10.76 47.42
N LEU A 35 31.38 10.29 46.32
CA LEU A 35 32.82 10.02 46.27
C LEU A 35 33.62 11.30 46.42
N LYS A 36 33.19 12.35 45.72
CA LYS A 36 33.84 13.66 45.78
C LYS A 36 33.48 14.41 47.06
N LEU A 58 40.22 8.27 42.59
CA LEU A 58 40.09 9.38 41.60
C LEU A 58 39.91 8.84 40.17
N GLN A 59 40.60 7.75 39.84
CA GLN A 59 40.36 7.04 38.59
C GLN A 59 39.10 6.17 38.71
N ARG A 60 38.57 6.10 39.92
CA ARG A 60 37.27 5.51 40.20
C ARG A 60 36.15 6.52 39.90
N GLU A 61 36.47 7.81 39.95
CA GLU A 61 35.53 8.87 39.59
C GLU A 61 35.39 9.02 38.06
N ALA A 62 36.51 8.87 37.36
CA ALA A 62 36.54 9.00 35.90
C ALA A 62 35.77 7.90 35.17
N ILE A 63 35.60 6.75 35.82
CA ILE A 63 34.85 5.65 35.22
C ILE A 63 33.35 5.77 35.48
N LEU A 64 32.97 6.32 36.63
CA LEU A 64 31.57 6.56 36.95
C LEU A 64 31.00 7.65 36.06
N ALA A 65 31.84 8.66 35.78
CA ALA A 65 31.48 9.76 34.88
C ALA A 65 31.31 9.25 33.45
N ASN A 66 32.17 8.30 33.06
CA ASN A 66 32.04 7.60 31.78
C ASN A 66 30.76 6.78 31.75
N GLU A 67 30.54 6.03 32.83
CA GLU A 67 29.36 5.18 33.01
C GLU A 67 28.07 6.02 32.93
N LEU A 68 28.15 7.24 33.46
CA LEU A 68 27.02 8.18 33.46
C LEU A 68 26.69 8.67 32.04
N ASN A 69 27.74 8.96 31.28
CA ASN A 69 27.58 9.42 29.92
C ASN A 69 26.98 8.35 29.01
N ILE A 70 27.36 7.10 29.26
CA ILE A 70 26.80 5.94 28.56
C ILE A 70 25.28 5.84 28.84
N LEU A 71 24.91 5.97 30.10
CA LEU A 71 23.51 5.97 30.49
C LEU A 71 22.74 7.15 29.86
N ASP A 72 23.36 8.32 29.81
CA ASP A 72 22.78 9.48 29.11
C ASP A 72 22.53 9.22 27.64
N ASN A 73 23.50 8.60 26.99
CA ASN A 73 23.39 8.25 25.57
C ASN A 73 22.37 7.14 25.34
N LEU A 74 22.33 6.19 26.28
CA LEU A 74 21.31 5.13 26.31
C LEU A 74 19.88 5.66 26.46
N LYS A 75 19.72 6.68 27.30
CA LYS A 75 18.47 7.38 27.45
C LYS A 75 17.97 7.89 26.09
N THR A 76 18.84 8.62 25.40
CA THR A 76 18.55 9.16 24.08
C THR A 76 18.17 8.06 23.09
N PHE A 77 18.92 6.96 23.11
CA PHE A 77 18.61 5.80 22.30
C PHE A 77 17.21 5.25 22.59
N LEU A 78 16.90 5.10 23.88
CA LEU A 78 15.60 4.55 24.26
C LEU A 78 14.43 5.45 23.85
N ASN A 79 14.66 6.76 23.89
CA ASN A 79 13.67 7.75 23.46
C ASN A 79 13.28 7.59 21.99
N LEU A 80 14.22 7.10 21.17
CA LEU A 80 13.95 6.84 19.76
C LEU A 80 12.96 5.67 19.57
N ILE A 81 13.06 4.65 20.42
CA ILE A 81 12.09 3.55 20.42
C ILE A 81 10.68 4.05 20.78
N LYS A 82 10.62 4.96 21.76
CA LYS A 82 9.37 5.61 22.12
C LYS A 82 8.82 6.40 20.94
N GLU A 83 9.71 7.10 20.24
CA GLU A 83 9.35 7.87 19.05
C GLU A 83 8.67 6.99 18.00
N VAL A 84 9.24 5.81 17.75
CA VAL A 84 8.67 4.87 16.79
C VAL A 84 7.24 4.51 17.23
N LYS A 85 7.09 4.07 18.48
CA LYS A 85 5.78 3.70 19.02
C LYS A 85 4.75 4.84 18.94
N THR A 86 5.18 6.06 19.26
CA THR A 86 4.29 7.22 19.21
C THR A 86 3.84 7.52 17.78
N ASN A 87 4.78 7.51 16.84
CA ASN A 87 4.46 7.69 15.43
C ASN A 87 3.49 6.62 14.90
N LEU A 88 3.64 5.38 15.37
CA LEU A 88 2.67 4.34 15.02
C LEU A 88 1.31 4.69 15.62
N ASN A 89 1.32 5.06 16.90
CA ASN A 89 0.11 5.42 17.65
C ASN A 89 -0.71 6.57 17.06
N ILE A 90 -0.06 7.66 16.68
CA ILE A 90 -0.75 8.83 16.14
C ILE A 90 -0.92 8.76 14.62
N LEU A 91 -0.52 7.63 14.03
CA LEU A 91 -0.66 7.33 12.60
C LEU A 91 0.16 8.25 11.70
N GLU A 92 1.31 8.71 12.20
CA GLU A 92 2.35 9.28 11.36
C GLU A 92 3.16 8.10 10.79
N LEU A 93 2.55 7.40 9.85
CA LEU A 93 3.08 6.13 9.36
C LEU A 93 4.37 6.28 8.56
N GLU A 94 4.46 7.37 7.79
CA GLU A 94 5.66 7.65 7.01
C GLU A 94 6.85 7.94 7.93
N ASN A 95 6.62 8.79 8.94
CA ASN A 95 7.65 9.12 9.92
C ASN A 95 8.10 7.90 10.75
N CYS A 96 7.16 7.03 11.09
CA CYS A 96 7.41 5.79 11.81
C CYS A 96 8.49 4.97 11.10
N TYR A 97 8.33 4.80 9.79
CA TYR A 97 9.29 4.12 8.93
C TYR A 97 10.67 4.73 9.06
N TYR A 98 10.75 6.06 8.94
CA TYR A 98 12.04 6.74 9.05
C TYR A 98 12.61 6.67 10.47
N SER A 99 11.73 6.75 11.47
CA SER A 99 12.10 6.54 12.88
C SER A 99 12.71 5.16 13.07
N LEU A 100 12.01 4.12 12.60
CA LEU A 100 12.54 2.74 12.58
C LEU A 100 13.87 2.58 11.84
N GLN A 101 13.99 3.20 10.67
CA GLN A 101 15.23 3.13 9.89
C GLN A 101 16.43 3.62 10.70
N SER A 102 16.25 4.79 11.33
CA SER A 102 17.26 5.40 12.17
C SER A 102 17.58 4.55 13.39
N LEU A 103 16.54 3.97 14.00
CA LEU A 103 16.74 3.08 15.15
C LEU A 103 17.60 1.83 14.81
N ARG A 104 17.34 1.26 13.64
CA ARG A 104 18.03 0.05 13.23
C ARG A 104 19.50 0.33 12.93
N LYS A 105 19.79 1.51 12.41
CA LYS A 105 21.17 1.96 12.24
C LYS A 105 21.85 2.14 13.60
N LYS A 106 21.13 2.68 14.58
CA LYS A 106 21.67 2.86 15.93
C LYS A 106 21.88 1.52 16.65
N MET A 107 20.95 0.58 16.45
CA MET A 107 21.13 -0.77 16.95
C MET A 107 22.39 -1.41 16.37
N ARG A 108 22.80 -0.98 15.17
CA ARG A 108 24.05 -1.47 14.58
C ARG A 108 25.32 -0.79 15.14
N ASN A 109 25.27 0.52 15.37
CA ASN A 109 26.50 1.31 15.58
C ASN A 109 26.58 2.10 16.88
N ASN A 110 25.46 2.22 17.61
CA ASN A 110 25.40 3.05 18.82
C ASN A 110 26.19 2.48 20.01
N ALA A 111 27.24 3.20 20.38
CA ALA A 111 28.17 2.79 21.43
C ALA A 111 27.48 2.48 22.76
N ALA A 112 26.53 3.32 23.17
CA ALA A 112 25.83 3.07 24.43
C ALA A 112 25.03 1.79 24.35
N TYR A 113 24.33 1.59 23.23
CA TYR A 113 23.54 0.39 23.01
C TYR A 113 24.40 -0.89 23.07
N LEU A 114 25.53 -0.85 22.36
CA LEU A 114 26.42 -1.99 22.21
C LEU A 114 27.18 -2.32 23.49
N LYS A 115 27.07 -1.43 24.49
CA LYS A 115 27.64 -1.65 25.82
C LYS A 115 26.63 -2.38 26.69
N GLN A 116 25.40 -2.49 26.21
CA GLN A 116 24.38 -3.21 26.94
C GLN A 116 24.55 -4.72 26.80
N SER A 117 23.93 -5.44 27.74
CA SER A 117 24.04 -6.91 27.87
C SER A 117 23.30 -7.67 26.78
N PHE A 118 23.65 -8.94 26.63
CA PHE A 118 22.90 -9.83 25.74
C PHE A 118 21.40 -9.86 26.08
N ASN A 119 21.08 -9.97 27.37
CA ASN A 119 19.68 -9.98 27.85
C ASN A 119 18.93 -8.70 27.47
N PHE A 120 19.57 -7.55 27.71
CA PHE A 120 19.04 -6.24 27.34
C PHE A 120 18.72 -6.16 25.84
N GLN A 121 19.74 -6.37 25.01
CA GLN A 121 19.58 -6.33 23.54
C GLN A 121 18.54 -7.30 23.00
N GLN A 122 18.46 -8.49 23.60
CA GLN A 122 17.44 -9.48 23.26
C GLN A 122 16.03 -8.88 23.38
N SER A 123 15.78 -8.22 24.51
CA SER A 123 14.48 -7.63 24.81
C SER A 123 14.16 -6.47 23.89
N ILE A 124 15.15 -5.61 23.66
CA ILE A 124 15.04 -4.56 22.65
C ILE A 124 14.69 -5.13 21.27
N SER A 125 15.47 -6.10 20.79
CA SER A 125 15.25 -6.69 19.46
C SER A 125 13.86 -7.23 19.27
N THR A 126 13.40 -8.04 20.24
CA THR A 126 12.07 -8.63 20.22
C THR A 126 11.01 -7.54 20.03
N TYR A 127 11.12 -6.47 20.80
CA TYR A 127 10.15 -5.39 20.80
C TYR A 127 10.17 -4.60 19.48
N VAL A 128 11.38 -4.29 18.99
CA VAL A 128 11.53 -3.58 17.72
C VAL A 128 11.03 -4.45 16.54
N ASP A 129 11.30 -5.75 16.55
CA ASP A 129 10.69 -6.69 15.58
C ASP A 129 9.16 -6.54 15.51
N THR A 130 8.50 -6.53 16.67
CA THR A 130 7.03 -6.35 16.70
C THR A 130 6.58 -5.01 16.11
N LEU A 131 7.42 -3.98 16.23
CA LEU A 131 7.12 -2.67 15.65
C LEU A 131 7.16 -2.66 14.12
N HIS A 132 8.10 -3.41 13.54
CA HIS A 132 8.11 -3.66 12.10
C HIS A 132 6.81 -4.33 11.70
N LEU A 133 6.41 -5.36 12.44
CA LEU A 133 5.19 -6.10 12.13
C LEU A 133 3.90 -5.30 12.30
N GLU A 134 3.78 -4.56 13.40
CA GLU A 134 2.59 -3.77 13.67
C GLU A 134 2.41 -2.64 12.65
N LEU A 135 3.52 -2.06 12.19
CA LEU A 135 3.50 -1.02 11.16
C LEU A 135 2.92 -1.56 9.86
N VAL A 136 3.49 -2.64 9.34
CA VAL A 136 3.00 -3.21 8.07
C VAL A 136 1.61 -3.82 8.19
N SER A 137 1.30 -4.39 9.35
CA SER A 137 -0.04 -4.91 9.62
C SER A 137 -1.06 -3.79 9.58
N THR A 138 -0.66 -2.62 10.07
CA THR A 138 -1.54 -1.44 10.07
C THR A 138 -1.84 -0.95 8.65
N LEU A 139 -0.81 -0.89 7.80
CA LEU A 139 -0.99 -0.53 6.38
C LEU A 139 -1.96 -1.45 5.67
N TYR A 140 -1.83 -2.75 5.93
CA TYR A 140 -2.72 -3.74 5.35
C TYR A 140 -4.17 -3.49 5.80
N LYS A 141 -4.38 -3.24 7.08
CA LYS A 141 -5.73 -2.95 7.61
C LYS A 141 -6.36 -1.71 6.96
N ILE A 142 -5.59 -0.62 6.90
CA ILE A 142 -6.04 0.63 6.28
C ILE A 142 -6.46 0.37 4.82
N LEU A 143 -5.65 -0.38 4.09
CA LEU A 143 -5.97 -0.76 2.72
C LEU A 143 -7.19 -1.66 2.59
N THR A 144 -7.27 -2.67 3.45
CA THR A 144 -8.30 -3.71 3.34
C THR A 144 -9.65 -3.26 3.89
N ASN A 145 -9.61 -2.46 4.94
CA ASN A 145 -10.80 -2.11 5.71
C ASN A 145 -11.17 -0.64 5.60
N GLY A 146 -10.38 0.12 4.84
CA GLY A 146 -10.54 1.56 4.72
C GLY A 146 -10.69 2.00 3.27
N PHE A 147 -9.57 2.09 2.55
CA PHE A 147 -9.58 2.57 1.15
C PHE A 147 -10.36 1.69 0.18
N TRP A 148 -10.17 0.38 0.28
CA TRP A 148 -10.85 -0.59 -0.57
C TRP A 148 -11.88 -1.34 0.23
N LYS A 149 -13.02 -1.61 -0.40
CA LYS A 149 -13.95 -2.62 0.06
C LYS A 149 -14.24 -3.58 -1.09
N ILE A 150 -13.58 -4.73 -1.06
CA ILE A 150 -13.80 -5.77 -2.08
C ILE A 150 -14.58 -6.93 -1.50
N THR A 151 -15.65 -7.31 -2.20
CA THR A 151 -16.48 -8.46 -1.81
C THR A 151 -16.52 -9.51 -2.93
N GLU A 152 -17.41 -10.49 -2.79
CA GLU A 152 -17.60 -11.51 -3.83
C GLU A 152 -18.00 -10.89 -5.15
N ASN A 153 -18.82 -9.83 -5.08
CA ASN A 153 -19.55 -9.29 -6.22
C ASN A 153 -19.33 -7.79 -6.49
N SER A 154 -18.36 -7.17 -5.80
CA SER A 154 -18.17 -5.72 -5.90
C SER A 154 -16.83 -5.19 -5.47
N ILE A 155 -16.46 -4.07 -6.07
CA ILE A 155 -15.22 -3.39 -5.76
C ILE A 155 -15.56 -1.92 -5.50
N GLN A 156 -15.31 -1.48 -4.27
CA GLN A 156 -15.46 -0.07 -3.94
C GLN A 156 -14.10 0.52 -3.58
N PHE A 157 -13.84 1.71 -4.10
CA PHE A 157 -12.66 2.47 -3.71
C PHE A 157 -13.10 3.81 -3.12
N THR A 158 -12.43 4.22 -2.04
CA THR A 158 -12.67 5.51 -1.40
C THR A 158 -11.30 6.15 -1.17
N PRO A 159 -11.11 7.37 -1.73
CA PRO A 159 -9.79 7.99 -1.76
C PRO A 159 -9.36 8.66 -0.46
N THR A 160 -10.27 8.78 0.50
CA THR A 160 -9.92 9.26 1.85
C THR A 160 -10.58 8.38 2.91
N VAL A 161 -9.96 8.35 4.08
CA VAL A 161 -10.45 7.57 5.20
C VAL A 161 -10.27 8.41 6.48
N GLU A 162 -11.13 8.19 7.46
CA GLU A 162 -10.92 8.72 8.81
C GLU A 162 -10.66 7.50 9.68
N TRP A 163 -9.39 7.27 10.01
CA TRP A 163 -8.95 5.95 10.49
C TRP A 163 -8.79 5.82 12.00
N GLY A 164 -9.21 4.67 12.54
CA GLY A 164 -8.95 4.32 13.93
C GLY A 164 -9.88 4.97 14.94
N LYS A 165 -9.46 4.95 16.21
CA LYS A 165 -10.25 5.49 17.33
C LYS A 165 -10.28 7.01 17.30
N ASP A 166 -9.24 7.61 16.74
CA ASP A 166 -9.09 9.05 16.70
C ASP A 166 -9.47 9.65 15.34
N LYS A 167 -9.88 8.80 14.40
CA LYS A 167 -10.37 9.25 13.09
C LYS A 167 -9.38 10.20 12.38
N VAL A 168 -8.13 9.77 12.31
CA VAL A 168 -7.09 10.52 11.62
C VAL A 168 -7.39 10.46 10.13
N HIS A 169 -7.42 11.63 9.51
CA HIS A 169 -7.62 11.79 8.07
C HIS A 169 -6.43 11.25 7.28
N ILE A 170 -6.71 10.36 6.33
CA ILE A 170 -5.66 9.87 5.43
C ILE A 170 -6.14 9.98 3.98
N GLU A 171 -5.28 10.54 3.14
CA GLU A 171 -5.54 10.61 1.71
C GLU A 171 -4.77 9.51 1.00
N TYR A 172 -5.45 8.79 0.11
CA TYR A 172 -4.88 7.62 -0.55
C TYR A 172 -3.61 7.90 -1.38
N ASP A 173 -3.66 8.91 -2.25
CA ASP A 173 -2.53 9.27 -3.10
C ASP A 173 -1.22 9.42 -2.30
N THR A 174 -1.27 10.26 -1.26
CA THR A 174 -0.15 10.49 -0.34
C THR A 174 0.31 9.19 0.30
N PHE A 175 -0.66 8.45 0.82
CA PHE A 175 -0.45 7.19 1.53
C PHE A 175 0.27 6.16 0.67
N MET A 176 -0.26 5.90 -0.52
CA MET A 176 0.30 4.88 -1.40
C MET A 176 1.58 5.33 -2.10
N ASP A 177 1.79 6.64 -2.21
CA ASP A 177 3.04 7.17 -2.72
C ASP A 177 4.19 6.74 -1.79
N PHE A 178 4.06 7.02 -0.49
CA PHE A 178 5.12 6.63 0.45
C PHE A 178 5.21 5.11 0.66
N VAL A 179 4.08 4.42 0.59
CA VAL A 179 4.07 2.95 0.71
C VAL A 179 4.84 2.29 -0.45
N ALA A 180 4.56 2.72 -1.68
CA ALA A 180 5.29 2.23 -2.86
C ALA A 180 6.76 2.62 -2.81
N GLN A 181 7.04 3.84 -2.40
CA GLN A 181 8.41 4.34 -2.25
C GLN A 181 9.21 3.55 -1.19
N GLN A 182 8.65 3.46 0.01
CA GLN A 182 9.34 2.83 1.14
C GLN A 182 9.45 1.31 1.00
N TYR A 183 8.36 0.65 0.61
CA TYR A 183 8.31 -0.82 0.63
C TYR A 183 8.46 -1.54 -0.71
N PHE A 184 8.06 -0.89 -1.79
CA PHE A 184 8.06 -1.55 -3.11
C PHE A 184 8.66 -0.67 -4.22
N PRO A 185 9.93 -0.24 -4.05
CA PRO A 185 10.46 0.65 -5.10
C PRO A 185 10.67 -0.17 -6.38
N LYS A 186 10.34 0.42 -7.53
CA LYS A 186 10.33 -0.32 -8.79
C LYS A 186 9.34 -1.52 -8.79
N GLY A 187 8.36 -1.45 -7.88
CA GLY A 187 7.16 -2.30 -7.95
C GLY A 187 7.19 -3.68 -7.31
N SER A 188 8.36 -4.08 -6.81
CA SER A 188 8.48 -5.42 -6.24
C SER A 188 8.92 -5.41 -4.77
N LEU A 189 8.70 -6.55 -4.11
CA LEU A 189 9.10 -6.75 -2.72
C LEU A 189 10.64 -6.81 -2.63
N ASP A 190 11.22 -5.86 -1.90
CA ASP A 190 12.68 -5.82 -1.73
C ASP A 190 13.09 -6.59 -0.47
N ASN A 191 13.48 -7.84 -0.69
CA ASN A 191 13.82 -8.79 0.36
C ASN A 191 15.20 -8.55 0.97
N GLN A 192 16.04 -7.81 0.24
CA GLN A 192 17.37 -7.43 0.72
C GLN A 192 17.42 -5.97 1.23
N ALA A 193 16.23 -5.41 1.48
CA ALA A 193 16.13 -4.05 2.02
C ALA A 193 16.07 -4.10 3.54
N TRP A 194 16.51 -3.01 4.18
CA TRP A 194 16.66 -2.97 5.63
C TRP A 194 15.42 -3.41 6.40
N PHE A 195 14.24 -3.09 5.88
CA PHE A 195 12.99 -3.30 6.63
C PHE A 195 12.75 -4.77 6.96
N ILE A 196 13.13 -5.64 6.02
CA ILE A 196 13.15 -7.08 6.26
C ILE A 196 14.53 -7.55 6.78
N LEU A 197 15.61 -7.08 6.18
CA LEU A 197 16.96 -7.61 6.48
C LEU A 197 17.40 -7.33 7.93
N ASP A 198 16.99 -6.18 8.47
CA ASP A 198 17.33 -5.78 9.82
C ASP A 198 16.51 -6.45 10.92
N MET A 199 15.46 -7.19 10.55
CA MET A 199 14.69 -7.96 11.52
C MET A 199 15.61 -8.94 12.26
N THR A 200 15.43 -9.04 13.58
CA THR A 200 16.31 -9.90 14.38
C THR A 200 15.96 -11.38 14.25
N SER A 201 14.76 -11.75 14.67
CA SER A 201 14.32 -13.14 14.63
C SER A 201 13.72 -13.55 13.28
N ALA A 202 14.01 -14.78 12.88
CA ALA A 202 13.60 -15.34 11.61
C ALA A 202 12.08 -15.47 11.43
N ASP A 203 11.37 -15.86 12.49
CA ASP A 203 9.90 -16.03 12.43
C ASP A 203 9.13 -14.71 12.28
N SER A 204 9.58 -13.70 13.02
CA SER A 204 9.01 -12.35 12.90
C SER A 204 9.28 -11.73 11.53
N GLN A 205 10.52 -11.90 11.05
CA GLN A 205 10.94 -11.52 9.71
C GLN A 205 10.02 -12.12 8.63
N GLU A 206 9.70 -13.41 8.78
CA GLU A 206 8.79 -14.08 7.84
C GLU A 206 7.37 -13.50 7.90
N GLN A 207 6.88 -13.24 9.10
CA GLN A 207 5.59 -12.57 9.30
C GLN A 207 5.51 -11.21 8.60
N VAL A 208 6.58 -10.43 8.68
CA VAL A 208 6.69 -9.13 8.03
C VAL A 208 6.73 -9.30 6.50
N ARG A 209 7.44 -10.33 6.05
CA ARG A 209 7.61 -10.63 4.63
C ARG A 209 6.30 -11.10 4.00
N ALA A 210 5.58 -11.95 4.72
CA ALA A 210 4.28 -12.47 4.31
C ALA A 210 3.24 -11.36 4.20
N LYS A 211 3.26 -10.43 5.16
CA LYS A 211 2.33 -9.31 5.14
C LYS A 211 2.62 -8.38 3.98
N LEU A 212 3.90 -8.05 3.78
CA LEU A 212 4.32 -7.16 2.71
C LEU A 212 4.03 -7.75 1.31
N ASN A 213 4.24 -9.05 1.18
CA ASN A 213 3.88 -9.77 -0.04
C ASN A 213 2.39 -9.69 -0.40
N THR A 214 1.52 -9.95 0.58
CA THR A 214 0.06 -9.79 0.38
C THR A 214 -0.34 -8.35 0.02
N ILE A 215 0.32 -7.36 0.63
CA ILE A 215 0.12 -5.95 0.29
C ILE A 215 0.54 -5.65 -1.16
N MET A 216 1.69 -6.18 -1.55
CA MET A 216 2.18 -6.00 -2.91
C MET A 216 1.24 -6.63 -3.94
N LYS A 217 0.78 -7.84 -3.63
CA LYS A 217 -0.12 -8.59 -4.50
C LYS A 217 -1.46 -7.88 -4.64
N GLU A 218 -2.12 -7.64 -3.52
CA GLU A 218 -3.49 -7.14 -3.51
C GLU A 218 -3.61 -5.65 -3.79
N TYR A 219 -2.61 -4.86 -3.37
CA TYR A 219 -2.73 -3.40 -3.36
C TYR A 219 -1.73 -2.64 -4.23
N MET A 220 -0.62 -3.28 -4.57
CA MET A 220 0.28 -2.75 -5.60
C MET A 220 -0.10 -3.34 -6.95
N ASN A 221 -0.42 -4.62 -6.97
CA ASN A 221 -0.74 -5.29 -8.24
C ASN A 221 -2.24 -5.52 -8.49
N LEU A 222 -3.08 -5.25 -7.48
CA LEU A 222 -4.55 -5.31 -7.59
C LEU A 222 -5.09 -6.65 -8.09
N SER A 223 -4.53 -7.74 -7.57
CA SER A 223 -4.76 -9.06 -8.16
C SER A 223 -6.21 -9.52 -8.12
N ARG A 224 -6.91 -9.27 -7.02
CA ARG A 224 -8.32 -9.60 -6.91
C ARG A 224 -9.15 -8.76 -7.90
N ILE A 225 -8.78 -7.49 -8.08
CA ILE A 225 -9.49 -6.61 -9.03
C ILE A 225 -9.29 -7.07 -10.47
N VAL A 226 -8.04 -7.39 -10.83
CA VAL A 226 -7.71 -7.95 -12.14
C VAL A 226 -8.54 -9.20 -12.44
N SER A 227 -8.53 -10.17 -11.51
CA SER A 227 -9.26 -11.45 -11.72
C SER A 227 -10.78 -11.23 -11.89
N MET A 228 -11.36 -10.38 -11.05
CA MET A 228 -12.80 -10.10 -11.13
C MET A 228 -13.21 -9.51 -12.48
N ILE A 229 -12.44 -8.54 -12.95
CA ILE A 229 -12.70 -7.91 -14.25
C ILE A 229 -12.53 -8.92 -15.37
N LYS A 230 -11.41 -9.64 -15.37
CA LYS A 230 -11.16 -10.67 -16.39
C LYS A 230 -12.27 -11.70 -16.48
N ASN A 231 -12.79 -12.12 -15.34
CA ASN A 231 -13.71 -13.25 -15.28
C ASN A 231 -15.15 -12.91 -15.68
N SER A 232 -15.43 -11.61 -15.83
CA SER A 232 -16.79 -11.12 -16.12
C SER A 232 -17.01 -10.38 -17.44
N ILE A 233 -16.01 -9.63 -17.89
CA ILE A 233 -16.14 -8.89 -19.16
C ILE A 233 -16.32 -9.82 -20.37
N PHE A 234 -17.23 -9.43 -21.25
CA PHE A 234 -17.58 -10.18 -22.46
C PHE A 234 -18.09 -11.60 -22.20
N ILE A 235 -18.75 -11.80 -21.07
CA ILE A 235 -19.45 -13.06 -20.75
C ILE A 235 -20.94 -12.75 -20.71
N SER A 236 -21.71 -13.42 -21.57
CA SER A 236 -23.17 -13.27 -21.58
C SER A 236 -23.73 -13.64 -20.22
N GLY A 237 -24.68 -12.85 -19.72
CA GLY A 237 -25.32 -13.16 -18.45
C GLY A 237 -24.54 -12.74 -17.21
N LYS A 238 -23.32 -12.26 -17.41
CA LYS A 238 -22.59 -11.57 -16.36
C LYS A 238 -22.70 -10.06 -16.60
N GLU A 239 -23.35 -9.37 -15.68
CA GLU A 239 -23.52 -7.94 -15.78
C GLU A 239 -22.55 -7.20 -14.87
N ILE A 240 -22.14 -6.01 -15.30
CA ILE A 240 -21.27 -5.12 -14.54
C ILE A 240 -21.86 -3.73 -14.62
N SER A 241 -22.07 -3.10 -13.47
CA SER A 241 -22.49 -1.70 -13.45
C SER A 241 -21.54 -0.86 -12.60
N TYR A 242 -21.48 0.43 -12.91
CA TYR A 242 -20.68 1.37 -12.12
C TYR A 242 -21.57 2.38 -11.41
N GLU A 243 -21.53 2.35 -10.09
CA GLU A 243 -22.26 3.31 -9.26
C GLU A 243 -21.29 4.42 -8.89
N ASN A 244 -21.31 5.51 -9.66
CA ASN A 244 -20.26 6.53 -9.57
C ASN A 244 -20.21 7.35 -8.29
N GLU A 245 -21.34 7.49 -7.60
CA GLU A 245 -21.38 8.34 -6.42
C GLU A 245 -20.75 7.64 -5.22
N LYS A 246 -21.09 6.37 -5.04
CA LYS A 246 -20.51 5.54 -3.99
C LYS A 246 -19.16 4.97 -4.46
N ASN A 247 -18.92 5.01 -5.76
CA ASN A 247 -17.69 4.52 -6.42
C ASN A 247 -17.52 3.00 -6.35
N ILE A 248 -18.58 2.28 -6.71
CA ILE A 248 -18.61 0.84 -6.61
C ILE A 248 -18.81 0.18 -7.98
N LEU A 249 -17.92 -0.75 -8.31
CA LEU A 249 -18.11 -1.62 -9.47
C LEU A 249 -18.79 -2.91 -9.04
N VAL A 250 -20.01 -3.10 -9.55
CA VAL A 250 -20.92 -4.13 -9.07
C VAL A 250 -21.08 -5.22 -10.13
N PHE A 251 -20.78 -6.46 -9.74
CA PHE A 251 -20.93 -7.61 -10.62
C PHE A 251 -22.18 -8.42 -10.28
N SER A 252 -23.06 -8.63 -11.26
CA SER A 252 -24.33 -9.30 -10.99
C SER A 252 -24.71 -10.32 -12.07
N LYS A 253 -25.72 -11.14 -11.75
CA LYS A 253 -26.35 -12.04 -12.70
C LYS A 253 -27.26 -11.20 -13.61
N SER A 254 -27.14 -11.37 -14.92
CA SER A 254 -27.94 -10.58 -15.85
C SER A 254 -29.30 -11.22 -16.14
N CYS A 261 -27.88 -10.12 -24.07
CA CYS A 261 -27.95 -9.40 -25.33
C CYS A 261 -26.71 -8.52 -25.54
N VAL A 262 -26.50 -8.11 -26.78
CA VAL A 262 -25.28 -7.45 -27.23
C VAL A 262 -25.02 -6.10 -26.54
N SER A 263 -26.07 -5.31 -26.38
CA SER A 263 -25.94 -4.00 -25.74
C SER A 263 -25.51 -4.13 -24.26
N THR A 264 -26.04 -5.15 -23.59
CA THR A 264 -25.76 -5.43 -22.17
C THR A 264 -24.30 -5.82 -21.92
N VAL A 265 -23.74 -6.65 -22.80
CA VAL A 265 -22.31 -6.98 -22.75
C VAL A 265 -21.48 -5.71 -22.90
N LEU A 266 -21.90 -4.84 -23.82
CA LEU A 266 -21.23 -3.57 -24.04
C LEU A 266 -21.38 -2.58 -22.88
N THR A 267 -22.58 -2.44 -22.32
CA THR A 267 -22.73 -1.47 -21.23
C THR A 267 -21.94 -1.96 -20.01
N SER A 268 -21.89 -3.27 -19.83
CA SER A 268 -21.09 -3.88 -18.75
C SER A 268 -19.59 -3.61 -18.93
N PHE A 269 -19.06 -3.79 -20.14
CA PHE A 269 -17.64 -3.48 -20.40
C PHE A 269 -17.38 -1.99 -20.23
N GLU A 270 -18.32 -1.16 -20.68
CA GLU A 270 -18.20 0.29 -20.49
C GLU A 270 -18.18 0.70 -19.01
N ALA A 271 -18.92 -0.02 -18.16
CA ALA A 271 -18.86 0.26 -16.71
C ALA A 271 -17.42 0.07 -16.16
N VAL A 272 -16.73 -0.94 -16.67
CA VAL A 272 -15.33 -1.18 -16.28
C VAL A 272 -14.46 -0.01 -16.74
N CYS A 273 -14.66 0.42 -17.99
CA CYS A 273 -13.92 1.55 -18.54
C CYS A 273 -14.17 2.81 -17.72
N ASP A 274 -15.44 3.09 -17.39
CA ASP A 274 -15.77 4.26 -16.57
C ASP A 274 -15.12 4.20 -15.17
N PHE A 275 -15.18 3.03 -14.54
CA PHE A 275 -14.53 2.81 -13.22
C PHE A 275 -13.04 3.16 -13.29
N MET A 276 -12.37 2.69 -14.34
CA MET A 276 -10.95 2.94 -14.52
C MET A 276 -10.64 4.40 -14.83
N LEU A 277 -11.43 5.02 -15.71
CA LEU A 277 -11.22 6.43 -16.05
C LEU A 277 -11.58 7.39 -14.92
N ASP A 278 -12.72 7.16 -14.29
CA ASP A 278 -13.31 8.16 -13.37
C ASP A 278 -13.31 7.81 -11.88
N GLY A 279 -12.99 6.57 -11.55
CA GLY A 279 -13.19 6.08 -10.18
C GLY A 279 -11.94 5.71 -9.43
N LEU A 280 -10.89 5.37 -10.17
CA LEU A 280 -9.61 4.94 -9.61
C LEU A 280 -8.64 6.09 -9.37
N ALA A 281 -7.75 5.92 -8.39
CA ALA A 281 -6.60 6.80 -8.22
C ALA A 281 -5.67 6.71 -9.43
N PHE A 282 -4.85 7.73 -9.66
CA PHE A 282 -3.90 7.73 -10.77
C PHE A 282 -3.05 6.45 -10.86
N ARG A 283 -2.46 6.06 -9.72
CA ARG A 283 -1.57 4.92 -9.62
C ARG A 283 -2.26 3.64 -10.07
N ASP A 284 -3.53 3.49 -9.70
CA ASP A 284 -4.25 2.25 -9.91
C ASP A 284 -4.84 2.11 -11.30
N ARG A 285 -5.28 3.21 -11.86
CA ARG A 285 -5.65 3.27 -13.28
C ARG A 285 -4.46 2.83 -14.15
N LYS A 286 -3.28 3.39 -13.86
CA LYS A 286 -2.05 3.02 -14.58
C LYS A 286 -1.76 1.53 -14.48
N THR A 287 -1.83 0.99 -13.26
CA THR A 287 -1.56 -0.42 -13.03
C THR A 287 -2.56 -1.34 -13.74
N LEU A 288 -3.84 -1.03 -13.60
CA LEU A 288 -4.88 -1.83 -14.27
C LEU A 288 -4.85 -1.71 -15.79
N SER A 289 -4.57 -0.51 -16.31
CA SER A 289 -4.43 -0.32 -17.76
C SER A 289 -3.23 -1.12 -18.29
N TYR A 290 -2.12 -1.08 -17.57
CA TYR A 290 -0.97 -1.92 -17.93
C TYR A 290 -1.35 -3.38 -18.01
N GLU A 291 -2.03 -3.88 -16.97
CA GLU A 291 -2.39 -5.31 -16.85
C GLU A 291 -3.54 -5.80 -17.72
N LEU A 292 -4.50 -4.94 -17.99
CA LEU A 292 -5.72 -5.35 -18.71
C LEU A 292 -5.79 -4.84 -20.15
N GLY A 293 -4.95 -3.86 -20.47
CA GLY A 293 -5.00 -3.20 -21.78
C GLY A 293 -4.99 -4.14 -22.98
N PRO A 294 -3.93 -4.96 -23.10
CA PRO A 294 -3.89 -5.90 -24.23
C PRO A 294 -5.12 -6.84 -24.30
N LEU A 295 -5.62 -7.29 -23.15
CA LEU A 295 -6.86 -8.08 -23.11
C LEU A 295 -8.06 -7.28 -23.64
N PHE A 296 -8.18 -6.03 -23.21
CA PHE A 296 -9.24 -5.12 -23.65
C PHE A 296 -9.23 -4.92 -25.17
N ASN A 297 -8.06 -4.57 -25.72
CA ASN A 297 -7.91 -4.36 -27.16
C ASN A 297 -8.38 -5.57 -27.97
N THR A 298 -7.85 -6.74 -27.61
CA THR A 298 -8.18 -7.97 -28.34
C THR A 298 -9.62 -8.47 -28.11
N GLU A 299 -10.12 -8.38 -26.87
CA GLU A 299 -11.46 -8.86 -26.52
C GLU A 299 -12.59 -7.92 -27.02
N PHE A 300 -12.35 -6.60 -26.95
CA PHE A 300 -13.32 -5.62 -27.47
C PHE A 300 -13.42 -5.67 -28.99
N THR A 301 -12.27 -5.73 -29.65
CA THR A 301 -12.25 -5.74 -31.11
C THR A 301 -12.96 -6.97 -31.69
N LYS A 302 -12.69 -8.13 -31.10
CA LYS A 302 -13.30 -9.37 -31.59
C LYS A 302 -14.81 -9.38 -31.35
N PHE A 303 -15.24 -8.96 -30.15
CA PHE A 303 -16.69 -8.82 -29.88
C PHE A 303 -17.42 -7.98 -30.93
N VAL A 304 -16.85 -6.83 -31.29
CA VAL A 304 -17.52 -5.90 -32.21
C VAL A 304 -17.57 -6.52 -33.61
N LYS A 305 -16.43 -7.05 -34.06
CA LYS A 305 -16.32 -7.73 -35.35
C LYS A 305 -17.32 -8.86 -35.48
N ASN A 306 -17.38 -9.70 -34.44
CA ASN A 306 -18.30 -10.83 -34.38
C ASN A 306 -19.77 -10.44 -34.29
N ASN A 307 -20.05 -9.21 -33.85
CA ASN A 307 -21.43 -8.75 -33.72
C ASN A 307 -21.74 -7.55 -34.62
N ALA A 308 -20.93 -7.37 -35.66
CA ALA A 308 -21.03 -6.23 -36.56
C ALA A 308 -22.42 -6.05 -37.16
N SER A 309 -23.04 -7.15 -37.58
CA SER A 309 -24.34 -7.07 -38.25
C SER A 309 -25.40 -6.35 -37.40
N ILE A 310 -25.50 -6.71 -36.12
CA ILE A 310 -26.48 -6.09 -35.25
C ILE A 310 -26.07 -4.65 -34.94
N ILE A 311 -24.77 -4.44 -34.71
CA ILE A 311 -24.22 -3.12 -34.41
C ILE A 311 -24.48 -2.15 -35.56
N LEU A 312 -24.35 -2.64 -36.80
CA LEU A 312 -24.45 -1.82 -38.00
C LEU A 312 -25.84 -1.82 -38.65
N GLU A 313 -26.82 -2.41 -37.95
CA GLU A 313 -28.19 -2.56 -38.47
C GLU A 313 -28.83 -1.23 -38.93
N SER A 314 -28.65 -0.17 -38.13
CA SER A 314 -29.17 1.15 -38.50
C SER A 314 -28.04 2.11 -38.78
N LEU A 315 -28.32 3.13 -39.58
CA LEU A 315 -27.37 4.23 -39.82
C LEU A 315 -26.94 4.90 -38.50
N ASP A 316 -27.92 5.33 -37.71
CA ASP A 316 -27.68 5.91 -36.39
C ASP A 316 -28.47 5.07 -35.39
N SER A 317 -27.82 4.71 -34.28
CA SER A 317 -28.46 3.97 -33.20
C SER A 317 -27.70 4.15 -31.88
N PRO A 318 -28.40 4.06 -30.74
CA PRO A 318 -27.77 3.94 -29.42
C PRO A 318 -26.70 2.83 -29.36
N LEU A 319 -26.94 1.69 -30.02
CA LEU A 319 -25.96 0.58 -30.00
C LEU A 319 -24.65 0.99 -30.63
N LYS A 320 -24.75 1.59 -31.81
CA LYS A 320 -23.58 2.01 -32.56
C LYS A 320 -22.88 3.15 -31.84
N ASN A 321 -23.69 4.05 -31.26
CA ASN A 321 -23.16 5.14 -30.45
C ASN A 321 -22.32 4.62 -29.30
N LEU A 322 -22.85 3.63 -28.59
CA LEU A 322 -22.17 2.98 -27.45
C LEU A 322 -20.84 2.33 -27.83
N VAL A 323 -20.83 1.65 -28.98
CA VAL A 323 -19.59 1.08 -29.51
C VAL A 323 -18.57 2.19 -29.75
N SER A 324 -19.04 3.30 -30.33
CA SER A 324 -18.17 4.46 -30.60
C SER A 324 -17.62 5.08 -29.32
N VAL A 325 -18.48 5.21 -28.31
CA VAL A 325 -18.09 5.80 -27.04
C VAL A 325 -17.03 4.91 -26.34
N ILE A 326 -17.24 3.60 -26.35
CA ILE A 326 -16.28 2.67 -25.72
C ILE A 326 -14.93 2.74 -26.44
N ASN A 327 -14.95 2.74 -27.77
CA ASN A 327 -13.74 2.85 -28.58
C ASN A 327 -12.94 4.09 -28.20
N ASN A 328 -13.61 5.24 -28.04
CA ASN A 328 -12.89 6.46 -27.65
C ASN A 328 -12.44 6.41 -26.17
N LYS A 329 -13.24 5.78 -25.31
CA LYS A 329 -12.87 5.60 -23.89
C LYS A 329 -11.59 4.77 -23.76
N LEU A 330 -11.41 3.80 -24.65
CA LEU A 330 -10.18 3.02 -24.66
C LEU A 330 -8.99 3.90 -25.09
N THR A 331 -9.19 4.73 -26.11
CA THR A 331 -8.19 5.74 -26.47
C THR A 331 -7.80 6.65 -25.29
N ARG A 332 -8.80 7.20 -24.62
CA ARG A 332 -8.54 8.08 -23.47
C ARG A 332 -7.91 7.35 -22.29
N LEU A 333 -8.28 6.08 -22.09
CA LEU A 333 -7.67 5.25 -21.04
C LEU A 333 -6.15 5.04 -21.22
N VAL A 334 -5.71 4.76 -22.45
CA VAL A 334 -4.29 4.64 -22.76
C VAL A 334 -3.55 5.93 -22.43
N ALA A 335 -4.12 7.05 -22.89
CA ALA A 335 -3.57 8.38 -22.64
C ALA A 335 -3.53 8.75 -21.16
N LYS A 336 -4.68 8.61 -20.48
CA LYS A 336 -4.82 8.98 -19.07
C LYS A 336 -3.91 8.14 -18.15
N SER A 337 -3.74 6.86 -18.49
CA SER A 337 -2.94 5.92 -17.70
C SER A 337 -1.44 6.07 -18.01
N GLU A 338 -1.15 6.68 -19.14
CA GLU A 338 0.21 7.00 -19.55
C GLU A 338 1.08 5.75 -19.77
N VAL A 339 0.43 4.63 -20.05
CA VAL A 339 1.17 3.40 -20.32
C VAL A 339 1.64 3.36 -21.77
N THR A 340 2.60 2.49 -22.04
CA THR A 340 3.17 2.36 -23.39
C THR A 340 3.16 0.91 -23.89
N ASN A 341 2.63 0.01 -23.07
CA ASN A 341 2.55 -1.42 -23.42
C ASN A 341 1.34 -1.77 -24.30
N TRP A 342 0.45 -0.80 -24.49
CA TRP A 342 -0.63 -0.94 -25.47
C TRP A 342 -1.04 0.42 -26.00
N THR A 343 -1.57 0.42 -27.22
CA THR A 343 -2.09 1.64 -27.82
C THR A 343 -3.52 1.39 -28.29
N HIS A 344 -4.29 2.47 -28.40
CA HIS A 344 -5.65 2.39 -28.91
C HIS A 344 -5.98 3.70 -29.63
N SER A 345 -5.64 3.76 -30.92
CA SER A 345 -5.91 4.94 -31.74
C SER A 345 -7.41 5.15 -31.91
N GLY A 346 -8.16 4.05 -31.83
CA GLY A 346 -9.58 4.04 -32.12
C GLY A 346 -9.86 3.76 -33.59
N LYS A 347 -8.82 3.72 -34.41
CA LYS A 347 -8.95 3.65 -35.89
C LYS A 347 -9.75 2.48 -36.44
N GLU A 348 -9.38 1.25 -36.09
CA GLU A 348 -10.01 0.06 -36.66
C GLU A 348 -11.54 0.09 -36.51
N ILE A 349 -12.00 0.40 -35.31
CA ILE A 349 -13.42 0.41 -35.00
C ILE A 349 -14.13 1.65 -35.55
N GLN A 350 -13.44 2.79 -35.55
CA GLN A 350 -13.98 4.01 -36.16
C GLN A 350 -14.26 3.76 -37.64
N ASP A 351 -13.39 2.95 -38.26
CA ASP A 351 -13.53 2.56 -39.65
C ASP A 351 -14.69 1.62 -39.86
N LEU A 352 -14.82 0.64 -38.95
CA LEU A 352 -15.89 -0.34 -39.02
C LEU A 352 -17.25 0.34 -38.95
N LEU A 353 -17.40 1.31 -38.07
CA LEU A 353 -18.66 2.04 -37.92
C LEU A 353 -18.94 3.00 -39.08
N MET A 354 -18.06 3.00 -40.09
CA MET A 354 -18.21 3.82 -41.29
C MET A 354 -18.56 2.98 -42.52
#